data_4OCO
#
_entry.id   4OCO
#
_cell.length_a   55.348
_cell.length_b   78.926
_cell.length_c   97.435
_cell.angle_alpha   90.00
_cell.angle_beta   90.00
_cell.angle_gamma   90.00
#
_symmetry.space_group_name_H-M   'P 21 21 21'
#
loop_
_entity.id
_entity.type
_entity.pdbx_description
1 polymer 'N-acetylhexosamine 1-phosphate kinase'
2 non-polymer 2-acetamido-2-deoxy-1-O-phosphono-alpha-D-glucopyranose
3 water water
#
_entity_poly.entity_id   1
_entity_poly.type   'polypeptide(L)'
_entity_poly.pdbx_seq_one_letter_code
;(MSE)GSSHHHHHHSSGLVPRGSH(MSE)TESNEVLFGIASHFALEGAVTGIEPYGDGHINTTYLVTTDGPRYILQQ
(MSE)NTSIFPDTVNL(MSE)RNVELVTSTLKAQGKETLDIVPTTSGATWAEIDGGAWRVYKFIEHTVSYNLVPNPDVFR
EAGSAFGDFQNFLSEFDASQLTETIAHFHDTPHRFEDFKAALAADKLGRAAACQPEIDFYLSHADQYAVV(MSE)DGLRD
GSIPLRVTHNDTKLNNIL(MSE)DATTGKARAIIDLDTI(MSE)PGS(MSE)LFDFGDSIRFGASTALEDEKDLSKVHFS
TELFRAYTEGFVGELRGSITAREAELLPFSGNLLT(MSE)ECG(MSE)RFLADYLEGDIYFATKYPEHNLVRTRTQIKLV
QE(MSE)EQKASETRAIVADI(MSE)EAAR
;
_entity_poly.pdbx_strand_id   A
#
loop_
_chem_comp.id
_chem_comp.type
_chem_comp.name
_chem_comp.formula
GN1 D-saccharide 2-acetamido-2-deoxy-1-O-phosphono-alpha-D-glucopyranose 'C8 H16 N O9 P'
#
# COMPACT_ATOMS: atom_id res chain seq x y z
N GLU A 23 1.53 1.56 23.87
CA GLU A 23 0.63 0.68 24.67
C GLU A 23 1.37 -0.15 25.73
N SER A 24 0.87 -0.18 26.96
CA SER A 24 1.55 -0.94 28.03
C SER A 24 1.37 -2.45 27.84
N ASN A 25 2.32 -3.21 28.35
CA ASN A 25 2.31 -4.66 28.25
C ASN A 25 1.07 -5.30 28.83
N GLU A 26 0.77 -4.92 30.07
CA GLU A 26 -0.44 -5.34 30.74
C GLU A 26 -1.71 -5.17 29.84
N VAL A 27 -1.88 -4.00 29.26
CA VAL A 27 -2.95 -3.78 28.29
C VAL A 27 -2.84 -4.74 27.09
N LEU A 28 -1.66 -4.82 26.48
CA LEU A 28 -1.48 -5.69 25.30
C LEU A 28 -1.76 -7.15 25.63
N PHE A 29 -1.21 -7.62 26.74
CA PHE A 29 -1.44 -9.01 27.14
C PHE A 29 -2.91 -9.25 27.44
N GLY A 30 -3.56 -8.25 28.04
CA GLY A 30 -5.02 -8.24 28.17
C GLY A 30 -5.75 -8.38 26.84
N ILE A 31 -5.36 -7.60 25.84
CA ILE A 31 -5.94 -7.74 24.49
C ILE A 31 -5.76 -9.16 23.98
N ALA A 32 -4.55 -9.69 24.11
CA ALA A 32 -4.25 -11.01 23.58
C ALA A 32 -5.15 -12.12 24.17
N SER A 33 -5.57 -11.99 25.45
CA SER A 33 -6.38 -13.03 26.08
C SER A 33 -7.80 -13.18 25.51
N HIS A 34 -8.22 -12.20 24.73
CA HIS A 34 -9.50 -12.22 23.99
C HIS A 34 -9.52 -13.11 22.79
N PHE A 35 -8.35 -13.48 22.29
CA PHE A 35 -8.21 -14.27 21.04
C PHE A 35 -7.82 -15.71 21.25
N ALA A 36 -8.21 -16.58 20.34
CA ALA A 36 -7.94 -18.00 20.54
C ALA A 36 -6.49 -18.44 20.18
N LEU A 37 -5.51 -17.86 20.88
CA LEU A 37 -4.08 -18.16 20.64
C LEU A 37 -3.78 -19.57 21.09
N GLU A 38 -2.79 -20.21 20.51
CA GLU A 38 -2.50 -21.59 20.93
C GLU A 38 -1.14 -21.76 21.59
N GLY A 39 -0.81 -20.82 22.47
CA GLY A 39 0.38 -20.95 23.29
C GLY A 39 0.28 -19.90 24.36
N ALA A 40 1.10 -20.05 25.40
CA ALA A 40 1.24 -19.05 26.42
C ALA A 40 2.02 -17.87 25.87
N VAL A 41 1.44 -16.69 25.94
CA VAL A 41 2.11 -15.49 25.46
C VAL A 41 3.35 -15.17 26.30
N THR A 42 4.48 -14.96 25.62
CA THR A 42 5.74 -14.57 26.26
C THR A 42 6.11 -13.10 26.04
N GLY A 43 5.56 -12.49 24.99
CA GLY A 43 5.89 -11.10 24.66
C GLY A 43 5.07 -10.54 23.51
N ILE A 44 4.85 -9.22 23.54
CA ILE A 44 4.12 -8.55 22.48
C ILE A 44 4.89 -7.27 22.23
N GLU A 45 5.44 -7.13 21.02
CA GLU A 45 6.36 -6.03 20.71
C GLU A 45 5.93 -5.37 19.41
N PRO A 46 6.07 -4.02 19.30
CA PRO A 46 5.74 -3.34 18.05
C PRO A 46 6.53 -3.96 16.88
N TYR A 47 5.94 -3.98 15.70
CA TYR A 47 6.47 -4.77 14.61
C TYR A 47 6.12 -4.14 13.27
N GLY A 48 7.08 -4.08 12.36
CA GLY A 48 6.78 -3.84 10.96
C GLY A 48 6.78 -2.37 10.62
N ASP A 49 6.47 -2.04 9.38
CA ASP A 49 6.55 -0.64 8.90
C ASP A 49 5.25 -0.02 8.40
N GLY A 50 4.12 -0.68 8.66
CA GLY A 50 2.81 -0.14 8.28
C GLY A 50 2.66 1.22 8.95
N HIS A 51 2.05 2.17 8.27
CA HIS A 51 1.96 3.53 8.77
C HIS A 51 0.65 3.85 9.42
N ILE A 52 -0.32 2.94 9.31
CA ILE A 52 -1.71 3.23 9.64
C ILE A 52 -2.20 2.44 10.86
N ASN A 53 -2.21 1.12 10.74
CA ASN A 53 -2.57 0.26 11.85
C ASN A 53 -1.37 0.06 12.76
N THR A 54 -1.62 -0.18 14.03
CA THR A 54 -0.54 -0.50 14.95
C THR A 54 -0.41 -2.01 15.06
N THR A 55 0.79 -2.50 14.84
CA THR A 55 1.03 -3.92 14.68
C THR A 55 2.06 -4.42 15.71
N TYR A 56 1.83 -5.61 16.23
CA TYR A 56 2.73 -6.20 17.21
C TYR A 56 2.95 -7.63 16.83
N LEU A 57 4.14 -8.10 17.16
CA LEU A 57 4.49 -9.50 17.08
C LEU A 57 4.17 -10.12 18.45
N VAL A 58 3.35 -11.16 18.44
CA VAL A 58 3.05 -11.88 19.68
C VAL A 58 3.93 -13.11 19.68
N THR A 59 4.88 -13.20 20.62
CA THR A 59 5.65 -14.44 20.81
C THR A 59 4.92 -15.26 21.90
N THR A 60 4.79 -16.58 21.66
CA THR A 60 4.27 -17.55 22.63
C THR A 60 5.30 -18.67 22.87
N ASP A 61 5.05 -19.57 23.82
CA ASP A 61 5.87 -20.79 23.94
C ASP A 61 5.61 -21.76 22.77
N GLY A 62 4.65 -21.43 21.91
CA GLY A 62 4.41 -22.15 20.66
C GLY A 62 4.48 -21.29 19.40
N PRO A 63 3.32 -21.06 18.76
CA PRO A 63 3.39 -20.29 17.53
C PRO A 63 3.47 -18.75 17.76
N ARG A 64 3.72 -18.05 16.66
CA ARG A 64 3.73 -16.59 16.64
C ARG A 64 2.46 -16.04 15.99
N TYR A 65 2.12 -14.81 16.32
CA TYR A 65 0.92 -14.15 15.85
C TYR A 65 1.24 -12.68 15.58
N ILE A 66 0.49 -12.09 14.65
CA ILE A 66 0.47 -10.63 14.41
C ILE A 66 -0.80 -10.10 15.09
N LEU A 67 -0.64 -9.13 15.98
CA LEU A 67 -1.76 -8.47 16.64
C LEU A 67 -1.82 -7.05 16.09
N GLN A 68 -3.00 -6.63 15.63
CA GLN A 68 -3.13 -5.27 15.12
C GLN A 68 -4.27 -4.51 15.76
N GLN A 69 -3.99 -3.25 16.05
CA GLN A 69 -5.09 -2.35 16.32
C GLN A 69 -5.46 -1.65 15.04
N MSE A 70 -6.74 -1.77 14.64
CA MSE A 70 -7.25 -1.08 13.46
C MSE A 70 -7.46 0.36 13.82
O MSE A 70 -8.02 0.70 14.87
CB MSE A 70 -8.51 -1.72 12.92
CG MSE A 70 -8.19 -3.01 12.20
SE MSE A 70 -9.79 -4.12 11.88
CE MSE A 70 -9.82 -4.95 13.68
N ASN A 71 -6.96 1.22 12.96
CA ASN A 71 -7.12 2.65 13.10
C ASN A 71 -8.55 3.05 12.69
N THR A 72 -9.37 3.34 13.69
CA THR A 72 -10.81 3.50 13.45
C THR A 72 -11.15 4.93 13.01
N SER A 73 -10.22 5.87 13.12
CA SER A 73 -10.47 7.16 12.49
C SER A 73 -10.22 7.08 10.98
N ILE A 74 -9.33 6.16 10.55
CA ILE A 74 -9.10 5.98 9.12
C ILE A 74 -10.05 4.93 8.52
N PHE A 75 -10.32 3.87 9.26
CA PHE A 75 -11.30 2.87 8.82
C PHE A 75 -12.43 2.91 9.86
N PRO A 76 -13.36 3.90 9.75
CA PRO A 76 -14.44 3.95 10.76
C PRO A 76 -15.38 2.75 10.70
N ASP A 77 -15.62 2.20 9.52
CA ASP A 77 -16.55 1.10 9.43
C ASP A 77 -15.83 -0.25 9.64
N THR A 78 -15.53 -0.61 10.90
CA THR A 78 -14.84 -1.88 11.20
C THR A 78 -15.60 -3.11 10.69
N VAL A 79 -16.92 -3.12 10.86
CA VAL A 79 -17.75 -4.23 10.37
C VAL A 79 -17.55 -4.43 8.85
N ASN A 80 -17.65 -3.36 8.05
CA ASN A 80 -17.49 -3.50 6.59
C ASN A 80 -16.07 -3.91 6.22
N LEU A 81 -15.09 -3.34 6.92
CA LEU A 81 -13.69 -3.68 6.67
C LEU A 81 -13.44 -5.18 6.91
N MSE A 82 -13.90 -5.68 8.05
CA MSE A 82 -13.68 -7.07 8.41
C MSE A 82 -14.48 -8.01 7.54
O MSE A 82 -14.02 -9.13 7.27
CB MSE A 82 -13.91 -7.30 9.90
CG MSE A 82 -12.74 -6.78 10.75
SE MSE A 82 -10.93 -7.39 10.26
CE MSE A 82 -11.11 -9.35 10.41
N ARG A 83 -15.66 -7.57 7.07
CA ARG A 83 -16.42 -8.31 6.06
C ARG A 83 -15.65 -8.48 4.75
N ASN A 84 -14.98 -7.44 4.27
CA ASN A 84 -14.15 -7.54 3.05
C ASN A 84 -12.96 -8.49 3.23
N VAL A 85 -12.21 -8.29 4.31
CA VAL A 85 -11.02 -9.09 4.63
C VAL A 85 -11.40 -10.56 4.76
N GLU A 86 -12.53 -10.78 5.39
CA GLU A 86 -13.07 -12.12 5.57
C GLU A 86 -13.50 -12.78 4.24
N LEU A 87 -14.16 -12.03 3.37
CA LEU A 87 -14.50 -12.53 2.04
C LEU A 87 -13.24 -12.83 1.22
N VAL A 88 -12.31 -11.89 1.15
CA VAL A 88 -11.09 -12.11 0.37
C VAL A 88 -10.33 -13.34 0.90
N THR A 89 -10.03 -13.37 2.20
CA THR A 89 -9.31 -14.50 2.78
C THR A 89 -10.04 -15.85 2.63
N SER A 90 -11.32 -15.89 2.92
CA SER A 90 -12.06 -17.16 2.82
C SER A 90 -12.15 -17.69 1.39
N THR A 91 -12.14 -16.80 0.39
CA THR A 91 -12.17 -17.21 -1.04
C THR A 91 -10.81 -17.78 -1.44
N LEU A 92 -9.75 -17.14 -0.96
CA LEU A 92 -8.40 -17.61 -1.18
C LEU A 92 -8.21 -18.98 -0.51
N LYS A 93 -8.64 -19.10 0.75
CA LYS A 93 -8.57 -20.40 1.42
C LYS A 93 -9.33 -21.48 0.63
N ALA A 94 -10.52 -21.15 0.13
CA ALA A 94 -11.35 -22.11 -0.61
C ALA A 94 -10.75 -22.49 -1.96
N GLN A 95 -9.64 -21.84 -2.34
CA GLN A 95 -8.90 -22.24 -3.54
C GLN A 95 -7.53 -22.84 -3.19
N GLY A 96 -7.32 -23.17 -1.91
CA GLY A 96 -6.02 -23.68 -1.42
C GLY A 96 -4.86 -22.73 -1.63
N LYS A 97 -5.14 -21.43 -1.51
CA LYS A 97 -4.10 -20.41 -1.60
C LYS A 97 -3.85 -19.82 -0.24
N GLU A 98 -2.58 -19.62 0.08
CA GLU A 98 -2.16 -19.10 1.39
C GLU A 98 -2.53 -17.64 1.46
N THR A 99 -3.06 -17.23 2.61
CA THR A 99 -3.45 -15.83 2.77
C THR A 99 -3.29 -15.48 4.25
N LEU A 100 -3.83 -14.33 4.65
CA LEU A 100 -3.88 -14.01 6.06
C LEU A 100 -4.91 -14.89 6.77
N ASP A 101 -4.50 -15.56 7.85
CA ASP A 101 -5.40 -16.38 8.64
C ASP A 101 -5.84 -15.67 9.89
N ILE A 102 -7.05 -15.16 9.86
CA ILE A 102 -7.64 -14.56 11.03
C ILE A 102 -7.73 -15.59 12.16
N VAL A 103 -7.22 -15.21 13.32
CA VAL A 103 -7.38 -16.01 14.52
C VAL A 103 -8.62 -15.44 15.25
N PRO A 104 -9.68 -16.26 15.40
CA PRO A 104 -10.90 -15.67 15.98
C PRO A 104 -10.75 -15.29 17.45
N THR A 105 -11.66 -14.49 17.98
CA THR A 105 -11.69 -14.29 19.42
C THR A 105 -12.08 -15.62 20.05
N THR A 106 -11.98 -15.69 21.39
CA THR A 106 -12.41 -16.88 22.12
C THR A 106 -13.91 -17.14 22.03
N SER A 107 -14.67 -16.14 21.56
CA SER A 107 -16.09 -16.32 21.31
C SER A 107 -16.37 -16.57 19.82
N GLY A 108 -15.32 -16.64 19.01
CA GLY A 108 -15.46 -16.93 17.58
C GLY A 108 -15.72 -15.72 16.67
N ALA A 109 -15.54 -14.50 17.15
CA ALA A 109 -15.70 -13.34 16.26
C ALA A 109 -14.39 -13.14 15.51
N THR A 110 -14.43 -12.42 14.39
CA THR A 110 -13.21 -12.25 13.59
C THR A 110 -12.35 -11.07 14.04
N TRP A 111 -12.85 -10.30 15.01
CA TRP A 111 -12.13 -9.19 15.65
C TRP A 111 -12.84 -8.85 16.93
N ALA A 112 -12.15 -8.10 17.79
CA ALA A 112 -12.69 -7.81 19.09
C ALA A 112 -12.65 -6.31 19.31
N GLU A 113 -13.70 -5.80 19.94
CA GLU A 113 -13.78 -4.41 20.35
C GLU A 113 -13.50 -4.36 21.84
N ILE A 114 -12.43 -3.69 22.20
CA ILE A 114 -11.98 -3.70 23.57
C ILE A 114 -11.68 -2.26 23.95
N ASP A 115 -12.48 -1.75 24.89
CA ASP A 115 -12.26 -0.43 25.51
C ASP A 115 -12.11 0.65 24.46
N GLY A 116 -13.05 0.67 23.52
CA GLY A 116 -13.03 1.66 22.47
C GLY A 116 -12.04 1.37 21.36
N GLY A 117 -11.32 0.25 21.46
CA GLY A 117 -10.33 -0.13 20.45
C GLY A 117 -10.83 -1.28 19.59
N ALA A 118 -10.36 -1.34 18.36
CA ALA A 118 -10.71 -2.44 17.46
C ALA A 118 -9.47 -3.28 17.11
N TRP A 119 -9.49 -4.55 17.52
CA TRP A 119 -8.31 -5.42 17.43
C TRP A 119 -8.57 -6.70 16.68
N ARG A 120 -7.55 -7.15 15.92
CA ARG A 120 -7.59 -8.42 15.18
C ARG A 120 -6.25 -9.15 15.32
N VAL A 121 -6.26 -10.47 15.08
CA VAL A 121 -5.03 -11.29 15.17
C VAL A 121 -4.93 -12.14 13.92
N TYR A 122 -3.73 -12.16 13.32
CA TYR A 122 -3.36 -13.03 12.19
C TYR A 122 -2.32 -14.05 12.63
N LYS A 123 -2.39 -15.26 12.11
CA LYS A 123 -1.27 -16.17 12.23
C LYS A 123 0.00 -15.57 11.61
N PHE A 124 1.13 -15.75 12.29
CA PHE A 124 2.41 -15.26 11.76
C PHE A 124 2.78 -16.12 10.57
N ILE A 125 3.25 -15.51 9.52
CA ILE A 125 3.53 -16.25 8.32
C ILE A 125 4.99 -16.69 8.35
N GLU A 126 5.19 -17.98 8.48
CA GLU A 126 6.50 -18.56 8.72
C GLU A 126 7.34 -18.78 7.45
N HIS A 127 8.65 -18.75 7.62
CA HIS A 127 9.63 -19.06 6.55
C HIS A 127 9.56 -18.07 5.43
N THR A 128 9.35 -16.79 5.77
CA THR A 128 9.30 -15.73 4.74
C THR A 128 10.31 -14.61 4.97
N VAL A 129 10.60 -13.86 3.91
CA VAL A 129 11.38 -12.64 4.00
C VAL A 129 10.53 -11.55 3.37
N SER A 130 10.82 -10.30 3.71
CA SER A 130 10.20 -9.20 2.96
C SER A 130 11.19 -8.05 2.83
N TYR A 131 10.86 -7.06 2.03
CA TYR A 131 11.84 -6.05 1.67
C TYR A 131 11.18 -4.69 1.70
N ASN A 132 11.89 -3.70 2.25
CA ASN A 132 11.55 -2.30 2.12
C ASN A 132 12.28 -1.69 0.93
N LEU A 133 13.30 -2.40 0.48
CA LEU A 133 14.11 -1.92 -0.63
C LEU A 133 14.40 -3.12 -1.50
N VAL A 134 14.14 -3.03 -2.80
CA VAL A 134 14.38 -4.15 -3.70
C VAL A 134 15.88 -4.37 -3.73
N PRO A 135 16.37 -5.60 -3.51
CA PRO A 135 17.82 -5.82 -3.56
C PRO A 135 18.35 -6.30 -4.93
N ASN A 136 17.46 -6.72 -5.83
CA ASN A 136 17.83 -7.09 -7.20
C ASN A 136 16.59 -7.14 -8.08
N PRO A 137 16.76 -7.10 -9.41
CA PRO A 137 15.57 -7.08 -10.26
C PRO A 137 14.64 -8.30 -10.13
N ASP A 138 15.19 -9.45 -9.77
CA ASP A 138 14.41 -10.68 -9.72
C ASP A 138 13.37 -10.61 -8.61
N VAL A 139 13.73 -10.02 -7.46
CA VAL A 139 12.75 -9.88 -6.39
C VAL A 139 11.54 -9.05 -6.87
N PHE A 140 11.80 -7.99 -7.63
CA PHE A 140 10.78 -7.03 -8.03
C PHE A 140 9.93 -7.61 -9.14
N ARG A 141 10.55 -8.40 -10.01
CA ARG A 141 9.76 -9.09 -11.05
C ARG A 141 8.76 -10.00 -10.37
N GLU A 142 9.21 -10.68 -9.34
CA GLU A 142 8.34 -11.62 -8.63
C GLU A 142 7.22 -10.84 -7.95
N ALA A 143 7.51 -9.64 -7.48
CA ALA A 143 6.51 -8.77 -6.87
C ALA A 143 5.43 -8.35 -7.90
N GLY A 144 5.88 -7.99 -9.11
CA GLY A 144 4.93 -7.67 -10.20
C GLY A 144 4.12 -8.90 -10.60
N SER A 145 4.76 -10.06 -10.63
CA SER A 145 4.03 -11.28 -10.94
C SER A 145 2.93 -11.54 -9.87
N ALA A 146 3.32 -11.46 -8.61
CA ALA A 146 2.37 -11.67 -7.51
C ALA A 146 1.19 -10.67 -7.53
N PHE A 147 1.50 -9.37 -7.65
CA PHE A 147 0.42 -8.36 -7.76
C PHE A 147 -0.43 -8.45 -9.03
N GLY A 148 0.18 -8.86 -10.15
CA GLY A 148 -0.55 -9.05 -11.40
C GLY A 148 -1.52 -10.21 -11.24
N ASP A 149 -1.02 -11.31 -10.69
CA ASP A 149 -1.87 -12.46 -10.40
C ASP A 149 -2.96 -12.13 -9.36
N PHE A 150 -2.61 -11.37 -8.32
CA PHE A 150 -3.63 -10.92 -7.37
C PHE A 150 -4.79 -10.22 -8.07
N GLN A 151 -4.47 -9.38 -9.05
CA GLN A 151 -5.51 -8.76 -9.86
C GLN A 151 -6.36 -9.71 -10.64
N ASN A 152 -5.75 -10.76 -11.22
CA ASN A 152 -6.57 -11.83 -11.79
C ASN A 152 -7.53 -12.42 -10.78
N PHE A 153 -7.02 -12.71 -9.59
CA PHE A 153 -7.86 -13.30 -8.56
C PHE A 153 -9.02 -12.37 -8.21
N LEU A 154 -8.73 -11.07 -8.03
CA LEU A 154 -9.75 -10.09 -7.64
C LEU A 154 -10.87 -9.91 -8.68
N SER A 155 -10.52 -10.08 -9.96
CA SER A 155 -11.51 -9.96 -11.06
C SER A 155 -12.65 -10.98 -10.96
N GLU A 156 -12.47 -12.05 -10.18
CA GLU A 156 -13.56 -12.98 -9.83
C GLU A 156 -14.66 -12.36 -8.95
N PHE A 157 -14.42 -11.19 -8.37
CA PHE A 157 -15.45 -10.57 -7.52
C PHE A 157 -16.25 -9.50 -8.25
N ASP A 158 -17.53 -9.34 -7.90
CA ASP A 158 -18.30 -8.15 -8.34
C ASP A 158 -17.86 -6.98 -7.51
N ALA A 159 -17.83 -5.81 -8.13
CA ALA A 159 -17.51 -4.56 -7.44
C ALA A 159 -18.40 -4.38 -6.22
N SER A 160 -19.64 -4.87 -6.33
CA SER A 160 -20.64 -4.82 -5.27
C SER A 160 -20.34 -5.69 -4.03
N GLN A 161 -19.48 -6.69 -4.16
CA GLN A 161 -19.11 -7.55 -3.02
C GLN A 161 -18.10 -6.89 -2.11
N LEU A 162 -17.34 -5.94 -2.65
CA LEU A 162 -16.25 -5.34 -1.89
C LEU A 162 -16.43 -3.83 -1.77
N THR A 163 -17.26 -3.40 -0.81
CA THR A 163 -17.51 -1.98 -0.49
C THR A 163 -16.23 -1.24 -0.12
N GLU A 164 -16.08 -0.03 -0.68
CA GLU A 164 -14.90 0.77 -0.38
C GLU A 164 -14.78 0.98 1.11
N THR A 165 -13.57 0.82 1.63
CA THR A 165 -13.35 0.93 3.05
C THR A 165 -12.84 2.31 3.40
N ILE A 166 -12.40 3.05 2.37
CA ILE A 166 -12.08 4.48 2.47
C ILE A 166 -12.54 5.12 1.16
N ALA A 167 -13.35 6.16 1.27
CA ALA A 167 -13.85 6.94 0.11
C ALA A 167 -12.74 7.73 -0.60
N HIS A 168 -12.83 7.88 -1.92
CA HIS A 168 -11.91 8.73 -2.70
C HIS A 168 -10.46 8.35 -2.50
N PHE A 169 -10.19 7.06 -2.32
CA PHE A 169 -8.90 6.65 -1.78
C PHE A 169 -7.71 6.98 -2.71
N HIS A 170 -7.85 6.66 -4.00
CA HIS A 170 -6.89 7.13 -5.00
C HIS A 170 -7.50 8.08 -6.00
N ASP A 171 -8.39 8.92 -5.50
CA ASP A 171 -8.99 9.99 -6.30
C ASP A 171 -8.05 11.17 -6.06
N THR A 172 -7.04 11.29 -6.92
CA THR A 172 -5.97 12.27 -6.71
C THR A 172 -6.46 13.74 -6.67
N PRO A 173 -7.44 14.12 -7.56
CA PRO A 173 -8.04 15.47 -7.40
C PRO A 173 -8.65 15.71 -6.02
N HIS A 174 -9.32 14.70 -5.44
CA HIS A 174 -9.87 14.87 -4.11
C HIS A 174 -8.75 14.99 -3.08
N ARG A 175 -7.71 14.16 -3.22
CA ARG A 175 -6.50 14.32 -2.40
C ARG A 175 -5.89 15.72 -2.53
N PHE A 176 -5.87 16.26 -3.75
CA PHE A 176 -5.29 17.60 -3.95
C PHE A 176 -6.15 18.68 -3.27
N GLU A 177 -7.47 18.47 -3.24
CA GLU A 177 -8.37 19.35 -2.47
C GLU A 177 -7.96 19.31 -1.00
N ASP A 178 -7.74 18.11 -0.43
CA ASP A 178 -7.30 18.01 0.96
C ASP A 178 -5.96 18.73 1.15
N PHE A 179 -5.05 18.53 0.20
CA PHE A 179 -3.75 19.18 0.27
C PHE A 179 -3.87 20.71 0.32
N LYS A 180 -4.65 21.27 -0.58
CA LYS A 180 -4.91 22.72 -0.67
C LYS A 180 -5.43 23.29 0.65
N ALA A 181 -6.40 22.59 1.25
CA ALA A 181 -7.01 23.02 2.51
C ALA A 181 -5.97 22.98 3.62
N ALA A 182 -5.18 21.91 3.67
CA ALA A 182 -4.09 21.82 4.65
C ALA A 182 -3.04 22.92 4.47
N LEU A 183 -2.76 23.22 3.22
CA LEU A 183 -1.82 24.28 2.86
C LEU A 183 -2.31 25.64 3.31
N ALA A 184 -3.58 25.96 3.04
CA ALA A 184 -4.16 27.28 3.34
C ALA A 184 -4.32 27.45 4.85
N ALA A 185 -4.71 26.37 5.53
CA ALA A 185 -4.77 26.39 6.99
C ALA A 185 -3.38 26.58 7.59
N ASP A 186 -2.36 25.91 7.05
CA ASP A 186 -1.00 26.01 7.61
C ASP A 186 -1.00 26.05 9.13
N LYS A 187 -1.61 25.04 9.75
CA LYS A 187 -1.99 25.07 11.18
C LYS A 187 -0.79 25.28 12.13
N LEU A 188 0.37 24.75 11.75
CA LEU A 188 1.54 24.78 12.60
C LEU A 188 2.58 25.77 12.13
N GLY A 189 2.31 26.46 11.03
CA GLY A 189 3.29 27.40 10.44
C GLY A 189 4.45 26.66 9.81
N ARG A 190 4.22 25.40 9.43
CA ARG A 190 5.26 24.60 8.78
C ARG A 190 5.49 24.90 7.31
N ALA A 191 4.57 25.64 6.69
CA ALA A 191 4.62 25.87 5.26
C ALA A 191 5.83 26.65 4.81
N ALA A 192 6.30 27.58 5.66
CA ALA A 192 7.38 28.49 5.29
C ALA A 192 8.66 27.75 4.98
N ALA A 193 8.87 26.61 5.65
CA ALA A 193 10.08 25.83 5.50
C ALA A 193 9.98 24.81 4.38
N CYS A 194 8.87 24.78 3.65
CA CYS A 194 8.74 23.80 2.55
C CYS A 194 8.03 24.35 1.31
N GLN A 195 8.37 25.59 0.98
CA GLN A 195 7.86 26.17 -0.25
C GLN A 195 8.22 25.33 -1.51
N PRO A 196 9.48 24.84 -1.67
CA PRO A 196 9.73 24.14 -2.94
C PRO A 196 8.84 22.91 -3.13
N GLU A 197 8.60 22.19 -2.03
CA GLU A 197 7.79 20.97 -2.05
C GLU A 197 6.33 21.32 -2.32
N ILE A 198 5.85 22.37 -1.66
CA ILE A 198 4.49 22.81 -1.85
C ILE A 198 4.30 23.21 -3.32
N ASP A 199 5.25 23.93 -3.89
CA ASP A 199 5.01 24.49 -5.22
C ASP A 199 5.13 23.42 -6.28
N PHE A 200 5.89 22.37 -5.98
CA PHE A 200 5.91 21.20 -6.83
C PHE A 200 4.50 20.61 -6.99
N TYR A 201 3.82 20.33 -5.88
CA TYR A 201 2.46 19.78 -5.96
C TYR A 201 1.43 20.71 -6.59
N LEU A 202 1.50 22.01 -6.27
CA LEU A 202 0.66 23.04 -6.88
C LEU A 202 0.82 23.06 -8.39
N SER A 203 2.06 23.03 -8.83
CA SER A 203 2.36 23.23 -10.26
C SER A 203 2.02 22.01 -11.10
N HIS A 204 1.87 20.84 -10.47
CA HIS A 204 1.46 19.62 -11.14
C HIS A 204 -0.03 19.35 -11.17
N ALA A 205 -0.83 20.26 -10.61
CA ALA A 205 -2.29 20.10 -10.44
C ALA A 205 -3.06 19.68 -11.71
N ASP A 206 -2.51 20.07 -12.85
CA ASP A 206 -3.13 19.79 -14.14
C ASP A 206 -2.98 18.28 -14.47
N GLN A 207 -2.13 17.56 -13.74
CA GLN A 207 -1.89 16.15 -14.07
C GLN A 207 -2.74 15.12 -13.29
N TYR A 208 -3.48 15.58 -12.29
CA TYR A 208 -4.03 14.70 -11.25
C TYR A 208 -5.26 13.92 -11.66
N ALA A 209 -6.02 14.47 -12.62
CA ALA A 209 -7.35 13.94 -12.92
C ALA A 209 -7.37 12.85 -13.99
N VAL A 210 -6.22 12.52 -14.58
CA VAL A 210 -6.17 11.63 -15.76
C VAL A 210 -6.86 10.28 -15.50
N VAL A 211 -6.48 9.58 -14.42
CA VAL A 211 -7.12 8.30 -14.17
C VAL A 211 -8.57 8.45 -13.73
N MSE A 212 -8.85 9.35 -12.80
CA MSE A 212 -10.26 9.52 -12.39
C MSE A 212 -11.14 9.84 -13.59
O MSE A 212 -12.25 9.30 -13.69
CB MSE A 212 -10.45 10.55 -11.27
CG MSE A 212 -9.77 10.15 -9.95
SE MSE A 212 -10.41 8.38 -9.29
CE MSE A 212 -12.35 8.67 -9.08
N ASP A 213 -10.66 10.70 -14.50
CA ASP A 213 -11.45 11.07 -15.67
C ASP A 213 -11.69 9.87 -16.58
N GLY A 214 -10.67 9.04 -16.72
CA GLY A 214 -10.79 7.85 -17.56
C GLY A 214 -11.79 6.86 -16.98
N LEU A 215 -11.77 6.71 -15.65
CA LEU A 215 -12.73 5.84 -14.98
C LEU A 215 -14.16 6.36 -15.13
N ARG A 216 -14.35 7.66 -14.97
CA ARG A 216 -15.68 8.26 -15.05
C ARG A 216 -16.32 8.18 -16.43
N ASP A 217 -15.51 8.22 -17.50
CA ASP A 217 -16.07 8.18 -18.86
C ASP A 217 -15.93 6.82 -19.54
N GLY A 218 -15.62 5.79 -18.76
CA GLY A 218 -15.55 4.44 -19.33
C GLY A 218 -14.30 4.09 -20.11
N SER A 219 -13.43 5.05 -20.40
CA SER A 219 -12.22 4.72 -21.20
C SER A 219 -11.15 3.96 -20.40
N ILE A 220 -11.32 3.86 -19.08
CA ILE A 220 -10.45 3.00 -18.28
C ILE A 220 -11.35 2.09 -17.46
N PRO A 221 -11.13 0.77 -17.54
CA PRO A 221 -12.10 -0.05 -16.82
C PRO A 221 -11.94 0.04 -15.29
N LEU A 222 -13.08 0.02 -14.59
CA LEU A 222 -13.16 -0.13 -13.15
C LEU A 222 -12.96 -1.61 -12.79
N ARG A 223 -11.95 -1.88 -11.97
CA ARG A 223 -11.60 -3.24 -11.53
C ARG A 223 -11.50 -3.25 -10.01
N VAL A 224 -11.67 -4.42 -9.41
CA VAL A 224 -11.36 -4.59 -8.00
C VAL A 224 -9.85 -4.62 -7.90
N THR A 225 -9.28 -3.76 -7.05
CA THR A 225 -7.84 -3.64 -7.00
C THR A 225 -7.40 -3.67 -5.54
N HIS A 226 -6.09 -3.86 -5.31
CA HIS A 226 -5.53 -3.97 -3.96
C HIS A 226 -5.35 -2.63 -3.28
N ASN A 227 -4.90 -1.63 -4.04
CA ASN A 227 -4.77 -0.23 -3.60
C ASN A 227 -3.71 0.16 -2.59
N ASP A 228 -2.87 -0.79 -2.15
CA ASP A 228 -1.72 -0.53 -1.26
C ASP A 228 -0.61 -1.54 -1.59
N THR A 229 -0.09 -1.47 -2.82
CA THR A 229 0.74 -2.59 -3.34
C THR A 229 2.21 -2.35 -3.16
N LYS A 230 2.60 -1.68 -2.06
CA LYS A 230 4.01 -1.42 -1.82
C LYS A 230 4.69 -2.74 -1.52
N LEU A 231 6.00 -2.82 -1.81
CA LEU A 231 6.75 -4.09 -1.79
C LEU A 231 6.67 -4.82 -0.47
N ASN A 232 6.63 -4.10 0.64
CA ASN A 232 6.63 -4.75 1.96
C ASN A 232 5.27 -5.33 2.38
N ASN A 233 4.30 -5.28 1.48
CA ASN A 233 3.03 -5.95 1.67
C ASN A 233 2.98 -7.36 0.98
N ILE A 234 4.12 -7.81 0.43
CA ILE A 234 4.27 -9.19 -0.10
C ILE A 234 5.33 -9.91 0.71
N LEU A 235 5.02 -11.12 1.14
CA LEU A 235 6.03 -11.95 1.78
C LEU A 235 6.58 -12.91 0.73
N MSE A 236 7.89 -13.11 0.70
CA MSE A 236 8.52 -14.08 -0.20
C MSE A 236 9.02 -15.24 0.62
O MSE A 236 9.50 -15.05 1.74
CB MSE A 236 9.77 -13.44 -0.77
CG MSE A 236 9.83 -13.25 -2.29
SE MSE A 236 8.41 -12.02 -2.88
CE MSE A 236 8.81 -10.67 -1.49
N ASP A 237 8.98 -16.45 0.04
CA ASP A 237 9.56 -17.58 0.74
C ASP A 237 11.06 -17.41 0.91
N ALA A 238 11.55 -17.73 2.11
CA ALA A 238 12.96 -17.57 2.43
C ALA A 238 13.82 -18.57 1.69
N THR A 239 13.25 -19.67 1.20
CA THR A 239 14.01 -20.67 0.42
C THR A 239 13.84 -20.46 -1.10
N THR A 240 12.61 -20.51 -1.59
CA THR A 240 12.38 -20.44 -3.06
C THR A 240 12.38 -19.03 -3.65
N GLY A 241 12.21 -18.00 -2.82
CA GLY A 241 12.02 -16.64 -3.32
C GLY A 241 10.69 -16.37 -3.99
N LYS A 242 9.76 -17.32 -4.02
CA LYS A 242 8.45 -17.07 -4.64
C LYS A 242 7.56 -16.31 -3.67
N ALA A 243 6.65 -15.50 -4.17
CA ALA A 243 5.69 -14.80 -3.29
C ALA A 243 4.86 -15.84 -2.55
N ARG A 244 4.74 -15.71 -1.23
CA ARG A 244 3.93 -16.61 -0.43
C ARG A 244 2.52 -16.09 -0.17
N ALA A 245 2.41 -14.80 0.18
CA ALA A 245 1.15 -14.20 0.54
C ALA A 245 1.22 -12.68 0.40
N ILE A 246 0.08 -12.09 0.06
CA ILE A 246 -0.11 -10.63 0.11
C ILE A 246 -0.75 -10.34 1.46
N ILE A 247 -0.21 -9.37 2.20
CA ILE A 247 -0.51 -9.30 3.63
C ILE A 247 -1.20 -8.07 4.23
N ASP A 248 -1.68 -7.16 3.43
CA ASP A 248 -2.43 -6.04 4.01
C ASP A 248 -3.62 -5.84 3.13
N LEU A 249 -4.72 -6.51 3.46
CA LEU A 249 -5.90 -6.61 2.57
C LEU A 249 -6.93 -5.50 2.76
N ASP A 250 -6.57 -4.51 3.57
CA ASP A 250 -7.54 -3.51 4.03
C ASP A 250 -8.14 -2.56 2.99
N THR A 251 -7.38 -2.22 1.95
CA THR A 251 -7.86 -1.26 0.96
C THR A 251 -8.25 -1.91 -0.35
N ILE A 252 -8.60 -3.19 -0.31
CA ILE A 252 -9.13 -3.86 -1.49
C ILE A 252 -10.54 -3.33 -1.73
N MSE A 253 -10.78 -2.85 -2.96
CA MSE A 253 -12.01 -2.13 -3.32
C MSE A 253 -11.89 -1.79 -4.78
O MSE A 253 -10.80 -1.91 -5.35
CB MSE A 253 -12.16 -0.86 -2.45
CG MSE A 253 -10.97 0.11 -2.50
SE MSE A 253 -11.39 1.69 -1.36
CE MSE A 253 -9.78 1.84 -0.24
N PRO A 254 -12.99 -1.33 -5.41
CA PRO A 254 -12.90 -0.97 -6.84
C PRO A 254 -11.88 0.15 -7.11
N GLY A 255 -11.25 0.13 -8.28
CA GLY A 255 -10.24 1.13 -8.61
C GLY A 255 -9.78 0.91 -10.05
N SER A 256 -8.59 1.37 -10.35
CA SER A 256 -7.96 1.07 -11.64
C SER A 256 -6.76 0.16 -11.41
N MSE A 257 -6.49 -0.73 -12.35
CA MSE A 257 -5.22 -1.49 -12.35
C MSE A 257 -4.04 -0.56 -12.20
O MSE A 257 -3.01 -0.94 -11.63
CB MSE A 257 -5.05 -2.31 -13.63
CG MSE A 257 -3.98 -1.81 -14.58
SE MSE A 257 -3.60 -3.24 -15.90
CE MSE A 257 -5.20 -4.40 -15.87
N LEU A 258 -4.18 0.66 -12.72
CA LEU A 258 -3.10 1.65 -12.67
C LEU A 258 -2.79 2.10 -11.24
N PHE A 259 -3.75 1.95 -10.32
CA PHE A 259 -3.46 2.27 -8.91
C PHE A 259 -2.46 1.29 -8.34
N ASP A 260 -2.67 0.02 -8.67
CA ASP A 260 -1.79 -1.04 -8.16
C ASP A 260 -0.45 -0.95 -8.83
N PHE A 261 -0.42 -0.76 -10.15
CA PHE A 261 0.88 -0.61 -10.87
C PHE A 261 1.67 0.59 -10.37
N GLY A 262 1.06 1.78 -10.41
CA GLY A 262 1.79 3.01 -10.11
C GLY A 262 2.36 3.04 -8.69
N ASP A 263 1.58 2.51 -7.76
CA ASP A 263 1.98 2.54 -6.35
C ASP A 263 3.15 1.57 -6.12
N SER A 264 3.17 0.42 -6.81
CA SER A 264 4.31 -0.50 -6.70
C SER A 264 5.61 0.14 -7.20
N ILE A 265 5.51 0.79 -8.36
CA ILE A 265 6.64 1.49 -8.96
C ILE A 265 7.10 2.59 -8.02
N ARG A 266 6.14 3.33 -7.48
CA ARG A 266 6.45 4.38 -6.50
C ARG A 266 7.39 3.89 -5.41
N PHE A 267 7.05 2.78 -4.77
CA PHE A 267 7.77 2.32 -3.57
C PHE A 267 9.00 1.51 -3.98
N GLY A 268 8.81 0.66 -4.99
CA GLY A 268 9.77 -0.36 -5.32
C GLY A 268 10.73 -0.08 -6.47
N ALA A 269 10.43 0.86 -7.37
CA ALA A 269 11.43 1.23 -8.39
C ALA A 269 12.43 2.31 -7.91
N SER A 270 12.29 2.74 -6.65
CA SER A 270 13.29 3.63 -6.03
C SER A 270 14.56 2.86 -5.64
N THR A 271 15.70 3.52 -5.74
CA THR A 271 16.95 2.96 -5.20
C THR A 271 17.10 3.25 -3.70
N ALA A 272 16.09 3.88 -3.09
CA ALA A 272 16.21 4.24 -1.69
C ALA A 272 14.90 4.05 -0.93
N LEU A 273 15.00 4.02 0.39
CA LEU A 273 13.84 3.93 1.27
C LEU A 273 12.89 5.09 1.08
N GLU A 274 11.61 4.85 1.33
CA GLU A 274 10.59 5.88 1.28
C GLU A 274 10.94 7.11 2.12
N ASP A 275 11.69 6.92 3.21
CA ASP A 275 12.02 8.04 4.09
C ASP A 275 13.51 8.25 4.20
N GLU A 276 14.20 8.04 3.08
CA GLU A 276 15.64 8.30 2.99
C GLU A 276 15.90 9.79 3.12
N LYS A 277 16.76 10.14 4.08
CA LYS A 277 17.10 11.53 4.40
C LYS A 277 18.13 12.10 3.42
N ASP A 278 18.91 11.23 2.79
CA ASP A 278 19.93 11.67 1.87
C ASP A 278 19.44 11.52 0.43
N LEU A 279 19.02 12.63 -0.15
CA LEU A 279 18.34 12.66 -1.45
C LEU A 279 19.19 12.25 -2.63
N SER A 280 20.53 12.38 -2.48
CA SER A 280 21.49 11.93 -3.50
C SER A 280 21.42 10.42 -3.70
N LYS A 281 20.91 9.68 -2.70
CA LYS A 281 20.71 8.23 -2.81
C LYS A 281 19.40 7.85 -3.53
N VAL A 282 18.50 8.83 -3.72
CA VAL A 282 17.15 8.56 -4.24
C VAL A 282 17.16 8.68 -5.75
N HIS A 283 16.89 7.57 -6.44
CA HIS A 283 16.74 7.54 -7.90
C HIS A 283 15.61 6.67 -8.33
N PHE A 284 15.05 6.95 -9.50
CA PHE A 284 14.09 6.09 -10.14
C PHE A 284 14.85 5.14 -11.08
N SER A 285 14.72 3.84 -10.87
CA SER A 285 15.46 2.85 -11.67
C SER A 285 14.59 2.28 -12.79
N THR A 286 14.96 2.57 -14.03
CA THR A 286 14.24 2.05 -15.20
C THR A 286 14.36 0.52 -15.31
N GLU A 287 15.49 -0.01 -14.83
CA GLU A 287 15.68 -1.45 -14.82
C GLU A 287 14.72 -2.09 -13.80
N LEU A 288 14.51 -1.43 -12.66
CA LEU A 288 13.54 -1.96 -11.70
C LEU A 288 12.14 -1.80 -12.29
N PHE A 289 11.91 -0.69 -12.99
CA PHE A 289 10.62 -0.45 -13.64
C PHE A 289 10.36 -1.61 -14.62
N ARG A 290 11.39 -2.00 -15.35
CA ARG A 290 11.24 -3.03 -16.37
C ARG A 290 10.91 -4.37 -15.71
N ALA A 291 11.67 -4.73 -14.68
CA ALA A 291 11.47 -6.01 -14.02
C ALA A 291 10.04 -6.15 -13.44
N TYR A 292 9.56 -5.11 -12.76
CA TYR A 292 8.19 -5.17 -12.22
C TYR A 292 7.19 -5.29 -13.36
N THR A 293 7.43 -4.55 -14.43
CA THR A 293 6.47 -4.53 -15.54
C THR A 293 6.39 -5.91 -16.21
N GLU A 294 7.56 -6.55 -16.35
CA GLU A 294 7.61 -7.88 -16.99
C GLU A 294 6.79 -8.87 -16.19
N GLY A 295 6.91 -8.79 -14.87
CA GLY A 295 6.21 -9.70 -13.98
C GLY A 295 4.73 -9.44 -14.02
N PHE A 296 4.36 -8.16 -14.00
CA PHE A 296 2.99 -7.68 -13.79
C PHE A 296 2.20 -7.86 -15.08
N VAL A 297 2.74 -7.30 -16.16
CA VAL A 297 2.10 -7.38 -17.46
C VAL A 297 2.09 -8.84 -17.91
N GLY A 298 3.15 -9.58 -17.59
CA GLY A 298 3.18 -11.02 -17.82
C GLY A 298 1.99 -11.77 -17.25
N GLU A 299 1.42 -11.33 -16.13
CA GLU A 299 0.17 -11.95 -15.64
C GLU A 299 -1.10 -11.39 -16.27
N LEU A 300 -1.07 -10.11 -16.60
CA LEU A 300 -2.30 -9.44 -17.00
C LEU A 300 -2.37 -9.17 -18.52
N ARG A 301 -1.53 -9.84 -19.31
CA ARG A 301 -1.44 -9.57 -20.75
C ARG A 301 -2.80 -9.69 -21.46
N GLY A 302 -3.58 -10.69 -21.11
CA GLY A 302 -4.85 -10.92 -21.77
C GLY A 302 -5.98 -10.02 -21.30
N SER A 303 -5.74 -9.19 -20.30
CA SER A 303 -6.80 -8.26 -19.87
C SER A 303 -6.43 -6.79 -19.98
N ILE A 304 -5.14 -6.47 -20.01
CA ILE A 304 -4.70 -5.07 -20.10
C ILE A 304 -5.20 -4.38 -21.41
N THR A 305 -5.93 -3.26 -21.29
CA THR A 305 -6.38 -2.52 -22.49
C THR A 305 -5.30 -1.57 -22.97
N ALA A 306 -5.49 -1.04 -24.17
CA ALA A 306 -4.54 -0.12 -24.82
C ALA A 306 -4.37 1.17 -24.00
N ARG A 307 -5.47 1.68 -23.44
CA ARG A 307 -5.43 2.87 -22.62
C ARG A 307 -4.65 2.61 -21.33
N GLU A 308 -4.91 1.46 -20.70
CA GLU A 308 -4.17 1.09 -19.50
C GLU A 308 -2.68 1.02 -19.79
N ALA A 309 -2.32 0.40 -20.91
CA ALA A 309 -0.91 0.24 -21.29
C ALA A 309 -0.29 1.59 -21.51
N GLU A 310 -1.05 2.49 -22.15
CA GLU A 310 -0.55 3.82 -22.46
C GLU A 310 -0.22 4.56 -21.16
N LEU A 311 -1.03 4.37 -20.14
CA LEU A 311 -0.86 5.08 -18.86
C LEU A 311 0.05 4.40 -17.84
N LEU A 312 0.61 3.23 -18.16
CA LEU A 312 1.46 2.56 -17.20
C LEU A 312 2.63 3.41 -16.65
N PRO A 313 3.45 4.05 -17.53
CA PRO A 313 4.52 4.92 -16.99
C PRO A 313 4.02 6.07 -16.10
N PHE A 314 3.00 6.77 -16.55
CA PHE A 314 2.53 7.94 -15.84
C PHE A 314 1.78 7.57 -14.54
N SER A 315 1.22 6.37 -14.47
CA SER A 315 0.60 5.91 -13.25
C SER A 315 1.65 5.89 -12.14
N GLY A 316 2.92 5.67 -12.51
CA GLY A 316 4.00 5.86 -11.55
C GLY A 316 4.08 7.28 -11.00
N ASN A 317 4.19 8.25 -11.92
CA ASN A 317 4.18 9.66 -11.56
C ASN A 317 2.99 9.94 -10.65
N LEU A 318 1.81 9.47 -11.05
CA LEU A 318 0.57 9.88 -10.39
C LEU A 318 0.48 9.37 -8.96
N LEU A 319 0.71 8.08 -8.75
CA LEU A 319 0.64 7.55 -7.38
C LEU A 319 1.76 8.09 -6.48
N THR A 320 2.93 8.38 -7.06
CA THR A 320 4.03 8.96 -6.31
C THR A 320 3.64 10.38 -5.90
N MSE A 321 3.02 11.11 -6.81
CA MSE A 321 2.64 12.48 -6.50
C MSE A 321 1.50 12.45 -5.49
O MSE A 321 1.45 13.28 -4.58
CB MSE A 321 2.25 13.24 -7.75
CG MSE A 321 3.51 13.64 -8.49
SE MSE A 321 3.02 14.81 -10.00
CE MSE A 321 1.83 13.63 -11.02
N GLU A 322 0.58 11.49 -5.62
CA GLU A 322 -0.54 11.42 -4.70
C GLU A 322 -0.04 11.11 -3.28
N CYS A 323 0.85 10.15 -3.16
CA CYS A 323 1.33 9.74 -1.86
C CYS A 323 2.20 10.83 -1.29
N GLY A 324 3.05 11.42 -2.12
CA GLY A 324 3.87 12.53 -1.67
C GLY A 324 3.08 13.74 -1.15
N MSE A 325 2.02 14.11 -1.86
CA MSE A 325 1.16 15.22 -1.43
C MSE A 325 0.50 14.87 -0.11
O MSE A 325 0.38 15.73 0.79
CB MSE A 325 0.14 15.67 -2.49
CG MSE A 325 -1.10 14.77 -2.62
SE MSE A 325 -2.30 15.53 -4.00
CE MSE A 325 -1.18 15.22 -5.60
N ARG A 326 0.08 13.62 0.02
CA ARG A 326 -0.48 13.15 1.31
C ARG A 326 0.51 13.26 2.46
N PHE A 327 1.77 12.86 2.23
CA PHE A 327 2.81 13.06 3.24
C PHE A 327 2.96 14.52 3.60
N LEU A 328 2.97 15.40 2.58
CA LEU A 328 3.21 16.81 2.81
C LEU A 328 2.02 17.46 3.53
N ALA A 329 0.80 17.13 3.08
CA ALA A 329 -0.42 17.53 3.77
C ALA A 329 -0.35 17.12 5.26
N ASP A 330 0.05 15.89 5.53
CA ASP A 330 0.11 15.44 6.90
C ASP A 330 1.15 16.27 7.67
N TYR A 331 2.34 16.45 7.10
CA TYR A 331 3.33 17.33 7.68
C TYR A 331 2.75 18.70 8.12
N LEU A 332 2.04 19.35 7.19
CA LEU A 332 1.47 20.67 7.40
C LEU A 332 0.37 20.66 8.46
N GLU A 333 -0.23 19.48 8.66
CA GLU A 333 -1.32 19.34 9.63
C GLU A 333 -0.84 18.81 10.97
N GLY A 334 0.47 18.66 11.14
CA GLY A 334 0.99 18.17 12.42
C GLY A 334 0.95 16.66 12.59
N ASP A 335 1.07 15.93 11.48
CA ASP A 335 1.24 14.49 11.46
C ASP A 335 0.13 13.75 12.15
N ILE A 336 -1.09 13.94 11.66
CA ILE A 336 -2.26 13.31 12.24
C ILE A 336 -2.68 12.02 11.53
N TYR A 337 -2.07 11.70 10.39
CA TYR A 337 -2.53 10.56 9.61
C TYR A 337 -1.54 9.40 9.63
N PHE A 338 -0.30 9.69 9.22
CA PHE A 338 0.76 8.66 9.11
C PHE A 338 1.55 8.59 10.42
N ALA A 339 1.87 7.39 10.90
CA ALA A 339 2.88 7.26 11.95
C ALA A 339 4.18 7.96 11.57
N THR A 340 4.80 8.63 12.54
CA THR A 340 6.10 9.25 12.34
C THR A 340 6.99 8.95 13.53
N LYS A 341 8.30 9.06 13.31
CA LYS A 341 9.30 8.79 14.34
C LYS A 341 10.05 10.05 14.80
N TYR A 342 9.86 11.17 14.11
CA TYR A 342 10.48 12.44 14.44
C TYR A 342 9.70 13.58 13.76
N PRO A 343 9.89 14.84 14.22
CA PRO A 343 9.00 15.91 13.75
C PRO A 343 8.99 16.11 12.22
N GLU A 344 10.13 16.00 11.56
CA GLU A 344 10.24 16.26 10.11
C GLU A 344 9.96 15.03 9.23
N HIS A 345 9.58 13.89 9.82
CA HIS A 345 9.55 12.62 9.11
C HIS A 345 8.72 12.70 7.83
N ASN A 346 7.53 13.29 7.93
CA ASN A 346 6.68 13.48 6.76
C ASN A 346 7.27 14.41 5.69
N LEU A 347 8.09 15.39 6.08
CA LEU A 347 8.75 16.26 5.10
C LEU A 347 9.82 15.47 4.37
N VAL A 348 10.52 14.60 5.11
CA VAL A 348 11.57 13.75 4.54
C VAL A 348 10.93 12.80 3.52
N ARG A 349 9.79 12.23 3.89
CA ARG A 349 9.03 11.33 3.03
C ARG A 349 8.59 12.03 1.76
N THR A 350 8.03 13.23 1.89
CA THR A 350 7.54 13.88 0.68
C THR A 350 8.67 14.19 -0.31
N ARG A 351 9.88 14.42 0.20
CA ARG A 351 10.98 14.81 -0.64
C ARG A 351 11.54 13.65 -1.43
N THR A 352 11.54 12.45 -0.86
CA THR A 352 11.90 11.28 -1.68
C THR A 352 10.93 11.14 -2.85
N GLN A 353 9.63 11.34 -2.58
CA GLN A 353 8.58 11.17 -3.63
C GLN A 353 8.74 12.18 -4.78
N ILE A 354 9.06 13.42 -4.41
CA ILE A 354 9.28 14.48 -5.41
C ILE A 354 10.50 14.13 -6.29
N LYS A 355 11.59 13.70 -5.65
CA LYS A 355 12.83 13.36 -6.34
C LYS A 355 12.56 12.23 -7.34
N LEU A 356 11.85 11.19 -6.90
CA LEU A 356 11.46 10.12 -7.81
C LEU A 356 10.63 10.59 -9.02
N VAL A 357 9.66 11.48 -8.79
CA VAL A 357 8.85 12.01 -9.89
C VAL A 357 9.68 12.83 -10.86
N GLN A 358 10.63 13.61 -10.33
CA GLN A 358 11.56 14.35 -11.17
C GLN A 358 12.32 13.42 -12.13
N GLU A 359 12.78 12.28 -11.62
CA GLU A 359 13.51 11.35 -12.47
C GLU A 359 12.56 10.59 -13.40
N MSE A 360 11.34 10.32 -12.94
CA MSE A 360 10.36 9.63 -13.79
C MSE A 360 9.99 10.47 -15.00
O MSE A 360 9.80 9.92 -16.12
CB MSE A 360 9.10 9.31 -13.00
CG MSE A 360 9.32 8.26 -11.90
SE MSE A 360 7.56 7.87 -11.09
CE MSE A 360 8.15 6.68 -9.65
N GLU A 361 9.86 11.78 -14.80
CA GLU A 361 9.58 12.75 -15.86
C GLU A 361 10.73 12.73 -16.89
N GLN A 362 11.94 12.79 -16.35
CA GLN A 362 13.16 12.86 -17.14
C GLN A 362 13.35 11.55 -17.96
N LYS A 363 12.90 10.41 -17.42
CA LYS A 363 13.05 9.14 -18.09
C LYS A 363 11.79 8.65 -18.78
N ALA A 364 10.85 9.56 -19.04
CA ALA A 364 9.51 9.20 -19.56
C ALA A 364 9.53 8.42 -20.89
N SER A 365 10.41 8.80 -21.80
CA SER A 365 10.43 8.14 -23.11
C SER A 365 11.09 6.74 -23.02
N GLU A 366 12.04 6.59 -22.10
CA GLU A 366 12.62 5.30 -21.76
C GLU A 366 11.61 4.31 -21.18
N THR A 367 10.69 4.80 -20.36
CA THR A 367 9.69 3.92 -19.75
C THR A 367 8.56 3.65 -20.73
N ARG A 368 8.24 4.63 -21.57
CA ARG A 368 7.27 4.40 -22.64
C ARG A 368 7.81 3.28 -23.53
N ALA A 369 9.11 3.32 -23.83
CA ALA A 369 9.72 2.30 -24.71
C ALA A 369 9.73 0.93 -24.03
N ILE A 370 10.03 0.91 -22.72
CA ILE A 370 10.02 -0.33 -21.92
C ILE A 370 8.65 -1.01 -21.93
N VAL A 371 7.59 -0.25 -21.71
CA VAL A 371 6.26 -0.80 -21.76
C VAL A 371 5.94 -1.31 -23.18
N ALA A 372 6.22 -0.49 -24.22
CA ALA A 372 5.95 -0.89 -25.61
C ALA A 372 6.63 -2.21 -25.91
N ASP A 373 7.92 -2.26 -25.61
CA ASP A 373 8.69 -3.48 -25.78
C ASP A 373 7.95 -4.69 -25.18
N ILE A 374 7.65 -4.62 -23.88
CA ILE A 374 6.98 -5.69 -23.14
C ILE A 374 5.57 -5.98 -23.65
N MSE A 375 4.87 -4.97 -24.16
CA MSE A 375 3.55 -5.19 -24.76
C MSE A 375 3.66 -5.97 -26.08
O MSE A 375 2.99 -5.63 -27.07
CB MSE A 375 2.82 -3.86 -24.89
CG MSE A 375 2.39 -3.29 -23.54
SE MSE A 375 0.94 -4.34 -22.73
CE MSE A 375 -0.48 -3.99 -24.06
N GLU A 376 4.50 -7.01 -26.10
CA GLU A 376 4.69 -7.90 -27.26
C GLU A 376 5.12 -9.31 -26.81
N ALA A 377 4.23 -9.97 -26.08
CA ALA A 377 4.48 -11.27 -25.46
C ALA A 377 4.80 -12.39 -26.46
C1 GN1 B . -0.26 3.60 3.99
OP1 GN1 B . 0.44 -0.14 4.40
P GN1 B . 0.32 1.21 4.98
OP2 GN1 B . 1.59 1.67 5.61
OP3 GN1 B . -0.84 1.21 5.92
C2 GN1 B . -1.36 4.15 3.14
C3 GN1 B . -1.06 4.08 1.71
C4 GN1 B . 0.26 4.71 1.43
C5 GN1 B . 1.35 4.20 2.31
C6 GN1 B . 2.62 4.91 2.11
C8 GN1 B . -4.98 3.34 4.36
O1 GN1 B . -0.03 2.24 3.73
O3 GN1 B . -2.16 4.63 0.93
O4 GN1 B . 0.66 4.49 0.08
O5 GN1 B . 0.98 4.25 3.74
N2 GN1 B . -2.60 3.39 3.52
C7 GN1 B . -3.80 4.11 3.95
O6 GN1 B . 3.70 4.25 2.54
O7 GN1 B . -3.81 5.33 3.95
#